data_1M0U
#
_entry.id   1M0U
#
_cell.length_a   89.723
_cell.length_b   89.723
_cell.length_c   131.789
_cell.angle_alpha   90.00
_cell.angle_beta   90.00
_cell.angle_gamma   120.00
#
_symmetry.space_group_name_H-M   'P 31 2 1'
#
loop_
_entity.id
_entity.type
_entity.pdbx_description
1 polymer 'GST2 gene product'
2 non-polymer 'SULFATE ION'
3 non-polymer GLUTATHIONE
4 water water
#
_entity_poly.entity_id   1
_entity_poly.type   'polypeptide(L)'
_entity_poly.pdbx_seq_one_letter_code
;MADEAQAPPAEGAPPAEGEAPPPAEGAEGAVEGGEAAPPAEPAEPIKHSYTLFYFNVKALAEPLRYLFAYGNQEYEDVRV
TRDEWPALKPTMPMGQMPVLEVDGKRVHQSISMARFLAKTVGLCGATPWEDLQIDIVVDTINDFRLKIAVVSYEPEDEIK
EKKLVTLNAEVIPFYLEKLEQTVKDNDGHLALGKLTWADVYFAGITDYMNYMVKRDLLEPYPALRGVVDAVNALEPIKAW
IEKRPVTEV
;
_entity_poly.pdbx_strand_id   A,B
#
loop_
_chem_comp.id
_chem_comp.type
_chem_comp.name
_chem_comp.formula
GSH non-polymer GLUTATHIONE 'C10 H17 N3 O6 S'
SO4 non-polymer 'SULFATE ION' 'O4 S -2'
#
# COMPACT_ATOMS: atom_id res chain seq x y z
N LYS A 47 -1.62 25.73 14.14
CA LYS A 47 -0.36 26.46 13.85
C LYS A 47 0.40 25.90 12.64
N HIS A 48 0.19 24.63 12.32
CA HIS A 48 0.74 24.06 11.08
C HIS A 48 -0.17 24.34 9.90
N SER A 49 0.42 24.54 8.72
CA SER A 49 -0.35 24.89 7.52
C SER A 49 -0.51 23.69 6.61
N TYR A 50 -1.76 23.30 6.36
CA TYR A 50 -2.05 22.15 5.50
C TYR A 50 -2.74 22.59 4.22
N THR A 51 -2.19 22.16 3.08
CA THR A 51 -2.85 22.40 1.80
C THR A 51 -3.07 21.05 1.12
N LEU A 52 -4.30 20.80 0.67
CA LEU A 52 -4.55 19.59 -0.11
C LEU A 52 -4.78 19.97 -1.57
N PHE A 53 -4.01 19.35 -2.46
CA PHE A 53 -4.18 19.49 -3.90
C PHE A 53 -4.84 18.24 -4.47
N TYR A 54 -5.96 18.42 -5.14
CA TYR A 54 -6.54 17.33 -5.93
C TYR A 54 -7.45 17.94 -6.98
N PHE A 55 -8.06 17.08 -7.79
CA PHE A 55 -9.05 17.53 -8.77
C PHE A 55 -10.34 17.93 -8.07
N ASN A 56 -11.26 18.53 -8.81
CA ASN A 56 -12.53 18.96 -8.23
C ASN A 56 -13.51 17.80 -8.11
N VAL A 57 -13.09 16.77 -7.38
CA VAL A 57 -13.90 15.56 -7.17
C VAL A 57 -13.63 15.00 -5.78
N LYS A 58 -14.44 14.02 -5.36
CA LYS A 58 -14.16 13.29 -4.13
C LYS A 58 -13.05 12.27 -4.38
N ALA A 59 -13.39 11.17 -5.07
CA ALA A 59 -12.46 10.11 -5.41
C ALA A 59 -11.39 9.83 -4.33
N LEU A 60 -10.12 9.85 -4.72
CA LEU A 60 -9.03 9.41 -3.85
C LEU A 60 -8.71 10.35 -2.69
N ALA A 61 -9.09 11.61 -2.82
CA ALA A 61 -8.76 12.58 -1.78
C ALA A 61 -9.82 12.64 -0.70
N GLU A 62 -11.04 12.14 -0.99
CA GLU A 62 -12.11 12.31 -0.04
C GLU A 62 -11.83 11.73 1.37
N PRO A 63 -11.19 10.57 1.48
CA PRO A 63 -10.78 10.10 2.82
C PRO A 63 -9.90 11.13 3.57
N LEU A 64 -9.00 11.79 2.86
CA LEU A 64 -8.16 12.82 3.50
C LEU A 64 -9.02 13.98 3.99
N ARG A 65 -9.99 14.41 3.17
CA ARG A 65 -10.93 15.45 3.58
C ARG A 65 -11.78 15.04 4.79
N TYR A 66 -12.15 13.75 4.88
CA TYR A 66 -12.89 13.25 6.03
C TYR A 66 -12.02 13.36 7.28
N LEU A 67 -10.75 12.99 7.14
CA LEU A 67 -9.85 12.97 8.29
C LEU A 67 -9.59 14.39 8.81
N PHE A 68 -9.41 15.35 7.91
CA PHE A 68 -9.27 16.76 8.32
C PHE A 68 -10.52 17.19 9.08
N ALA A 69 -11.70 16.90 8.51
CA ALA A 69 -12.97 17.22 9.18
C ALA A 69 -13.07 16.60 10.56
N TYR A 70 -12.75 15.30 10.65
CA TYR A 70 -12.81 14.58 11.91
C TYR A 70 -11.99 15.25 13.01
N GLY A 71 -10.79 15.70 12.64
CA GLY A 71 -9.86 16.28 13.59
C GLY A 71 -10.06 17.75 13.84
N ASN A 72 -11.06 18.34 13.16
CA ASN A 72 -11.30 19.78 13.18
C ASN A 72 -10.03 20.57 12.80
N GLN A 73 -9.31 20.02 11.81
CA GLN A 73 -8.08 20.62 11.32
C GLN A 73 -8.33 21.45 10.08
N GLU A 74 -8.12 22.75 10.20
CA GLU A 74 -8.24 23.66 9.07
C GLU A 74 -7.21 23.30 8.01
N TYR A 75 -7.63 23.34 6.75
CA TYR A 75 -6.74 23.11 5.63
C TYR A 75 -7.24 23.85 4.39
N GLU A 76 -6.34 24.09 3.45
CA GLU A 76 -6.71 24.66 2.16
C GLU A 76 -7.08 23.54 1.20
N ASP A 77 -8.33 23.55 0.77
CA ASP A 77 -8.83 22.53 -0.13
C ASP A 77 -8.70 23.05 -1.57
N VAL A 78 -7.54 22.83 -2.18
CA VAL A 78 -7.27 23.29 -3.54
C VAL A 78 -7.78 22.30 -4.58
N ARG A 79 -8.73 22.77 -5.39
CA ARG A 79 -9.36 21.93 -6.39
C ARG A 79 -8.91 22.33 -7.78
N VAL A 80 -8.03 21.53 -8.34
CA VAL A 80 -7.41 21.81 -9.62
C VAL A 80 -8.37 21.43 -10.74
N THR A 81 -8.82 22.43 -11.50
CA THR A 81 -9.73 22.19 -12.62
C THR A 81 -9.04 21.42 -13.73
N ARG A 82 -9.84 20.78 -14.57
CA ARG A 82 -9.36 19.98 -15.70
C ARG A 82 -8.43 20.77 -16.64
N ASP A 83 -8.72 22.06 -16.83
CA ASP A 83 -7.90 22.91 -17.71
C ASP A 83 -6.54 23.30 -17.12
N GLU A 84 -6.51 23.62 -15.83
CA GLU A 84 -5.26 24.02 -15.15
C GLU A 84 -4.27 22.86 -15.00
N TRP A 85 -4.79 21.64 -14.98
CA TRP A 85 -3.99 20.47 -14.60
C TRP A 85 -2.70 20.22 -15.40
N PRO A 86 -2.74 20.21 -16.74
CA PRO A 86 -1.50 19.97 -17.51
C PRO A 86 -0.40 21.02 -17.23
N ALA A 87 -0.80 22.26 -16.98
CA ALA A 87 0.16 23.32 -16.61
C ALA A 87 0.71 23.13 -15.18
N LEU A 88 -0.13 22.61 -14.27
CA LEU A 88 0.26 22.39 -12.88
C LEU A 88 1.01 21.09 -12.63
N LYS A 89 0.61 20.02 -13.32
CA LYS A 89 1.22 18.68 -13.16
C LYS A 89 2.75 18.61 -12.96
N PRO A 90 3.54 19.31 -13.79
CA PRO A 90 5.01 19.26 -13.65
C PRO A 90 5.54 19.77 -12.30
N THR A 91 4.72 20.47 -11.52
CA THR A 91 5.15 20.98 -10.20
C THR A 91 4.86 20.02 -9.05
N MET A 92 4.16 18.92 -9.35
CA MET A 92 3.71 17.98 -8.31
C MET A 92 4.62 16.75 -8.23
N PRO A 93 4.83 16.20 -7.04
CA PRO A 93 5.68 15.01 -6.87
C PRO A 93 5.20 13.87 -7.75
N MET A 94 6.13 13.25 -8.48
CA MET A 94 5.83 12.16 -9.41
C MET A 94 4.72 12.49 -10.41
N GLY A 95 4.38 13.77 -10.55
CA GLY A 95 3.32 14.22 -11.44
C GLY A 95 1.90 13.78 -11.10
N GLN A 96 1.63 13.51 -9.82
CA GLN A 96 0.30 13.05 -9.44
C GLN A 96 -0.33 13.82 -8.29
N MET A 97 -1.61 13.53 -8.07
CA MET A 97 -2.36 14.02 -6.93
C MET A 97 -3.15 12.80 -6.41
N PRO A 98 -3.64 12.84 -5.17
CA PRO A 98 -3.51 13.98 -4.26
C PRO A 98 -2.10 14.24 -3.75
N VAL A 99 -1.91 15.50 -3.37
CA VAL A 99 -0.69 15.98 -2.73
C VAL A 99 -1.08 16.75 -1.51
N LEU A 100 -0.38 16.51 -0.42
CA LEU A 100 -0.57 17.30 0.79
C LEU A 100 0.67 18.17 0.95
N GLU A 101 0.45 19.39 1.38
CA GLU A 101 1.52 20.30 1.67
C GLU A 101 1.41 20.65 3.14
N VAL A 102 2.46 20.32 3.89
CA VAL A 102 2.49 20.58 5.32
C VAL A 102 3.68 21.51 5.56
N ASP A 103 3.37 22.73 5.97
CA ASP A 103 4.36 23.80 6.09
C ASP A 103 5.27 23.90 4.87
N GLY A 104 4.63 23.84 3.70
CA GLY A 104 5.33 23.90 2.42
C GLY A 104 5.86 22.58 1.89
N LYS A 105 6.14 21.63 2.79
CA LYS A 105 6.74 20.37 2.37
C LYS A 105 5.69 19.51 1.67
N ARG A 106 5.94 19.16 0.41
CA ARG A 106 4.98 18.37 -0.37
C ARG A 106 5.19 16.85 -0.25
N VAL A 107 4.09 16.15 -0.04
CA VAL A 107 4.09 14.70 0.03
C VAL A 107 2.99 14.15 -0.88
N HIS A 108 3.06 12.86 -1.18
CA HIS A 108 2.06 12.19 -2.03
C HIS A 108 1.87 10.78 -1.53
N GLN A 109 1.09 9.97 -2.25
CA GLN A 109 0.71 8.59 -1.85
C GLN A 109 -0.45 8.63 -0.87
N SER A 110 -1.66 8.49 -1.39
CA SER A 110 -2.84 8.83 -0.60
C SER A 110 -3.09 7.92 0.61
N ILE A 111 -2.80 6.63 0.50
CA ILE A 111 -2.97 5.73 1.65
C ILE A 111 -2.00 6.10 2.78
N SER A 112 -0.74 6.33 2.40
CA SER A 112 0.25 6.69 3.42
C SER A 112 -0.04 8.06 4.05
N MET A 113 -0.55 9.00 3.23
CA MET A 113 -0.99 10.28 3.79
C MET A 113 -2.20 10.15 4.70
N ALA A 114 -3.13 9.24 4.40
CA ALA A 114 -4.27 8.99 5.27
C ALA A 114 -3.79 8.46 6.62
N ARG A 115 -2.78 7.58 6.60
CA ARG A 115 -2.28 6.97 7.82
C ARG A 115 -1.66 8.08 8.67
N PHE A 116 -0.94 8.99 8.00
CA PHE A 116 -0.32 10.13 8.68
C PHE A 116 -1.38 11.06 9.29
N LEU A 117 -2.38 11.47 8.51
CA LEU A 117 -3.48 12.24 9.08
C LEU A 117 -4.21 11.53 10.22
N ALA A 118 -4.40 10.21 10.10
CA ALA A 118 -5.02 9.40 11.15
C ALA A 118 -4.26 9.53 12.49
N LYS A 119 -2.93 9.48 12.41
CA LYS A 119 -2.10 9.62 13.60
C LYS A 119 -2.28 11.01 14.17
N THR A 120 -2.35 11.99 13.27
CA THR A 120 -2.46 13.40 13.66
C THR A 120 -3.79 13.69 14.36
N VAL A 121 -4.85 12.96 14.01
CA VAL A 121 -6.18 13.21 14.58
C VAL A 121 -6.63 12.16 15.60
N GLY A 122 -5.77 11.17 15.89
CA GLY A 122 -6.00 10.19 16.93
C GLY A 122 -6.87 8.99 16.57
N LEU A 123 -6.74 8.50 15.34
CA LEU A 123 -7.60 7.40 14.86
C LEU A 123 -6.83 6.09 14.65
N CYS A 124 -5.71 5.98 15.34
CA CYS A 124 -4.88 4.79 15.24
C CYS A 124 -5.03 3.86 16.44
N GLY A 125 -4.12 2.92 16.60
CA GLY A 125 -4.17 1.96 17.68
C GLY A 125 -3.23 2.33 18.81
N ALA A 126 -3.14 1.45 19.80
CA ALA A 126 -2.32 1.69 20.99
C ALA A 126 -0.89 1.18 20.84
N THR A 127 -0.69 0.21 19.94
CA THR A 127 0.62 -0.40 19.71
C THR A 127 0.87 -0.56 18.21
N PRO A 128 2.11 -0.88 17.82
CA PRO A 128 2.39 -1.28 16.43
C PRO A 128 1.54 -2.47 15.96
N TRP A 129 1.25 -3.41 16.86
CA TRP A 129 0.44 -4.57 16.50
C TRP A 129 -0.96 -4.14 16.13
N GLU A 130 -1.52 -3.22 16.92
CA GLU A 130 -2.85 -2.71 16.67
C GLU A 130 -2.86 -1.89 15.38
N ASP A 131 -1.83 -1.09 15.18
CA ASP A 131 -1.74 -0.28 13.97
C ASP A 131 -1.64 -1.17 12.74
N LEU A 132 -0.92 -2.28 12.88
CA LEU A 132 -0.81 -3.27 11.81
C LEU A 132 -2.21 -3.77 11.42
N GLN A 133 -3.07 -4.04 12.40
CA GLN A 133 -4.43 -4.53 12.09
C GLN A 133 -5.20 -3.53 11.24
N ILE A 134 -5.07 -2.24 11.56
CA ILE A 134 -5.74 -1.21 10.78
C ILE A 134 -5.12 -1.11 9.41
N ASP A 135 -3.78 -1.11 9.34
CA ASP A 135 -3.08 -1.02 8.06
C ASP A 135 -3.53 -2.12 7.10
N ILE A 136 -3.64 -3.35 7.63
CA ILE A 136 -3.95 -4.50 6.79
C ILE A 136 -5.32 -4.33 6.13
N VAL A 137 -6.31 -3.84 6.88
CA VAL A 137 -7.64 -3.73 6.31
C VAL A 137 -7.71 -2.62 5.25
N VAL A 138 -7.00 -1.52 5.50
CA VAL A 138 -6.92 -0.46 4.50
C VAL A 138 -6.19 -0.94 3.25
N ASP A 139 -5.12 -1.73 3.40
CA ASP A 139 -4.41 -2.25 2.24
C ASP A 139 -5.37 -3.14 1.43
N THR A 140 -6.18 -3.90 2.15
CA THR A 140 -7.16 -4.77 1.48
C THR A 140 -8.18 -3.97 0.69
N ILE A 141 -8.70 -2.90 1.30
CA ILE A 141 -9.64 -1.99 0.65
C ILE A 141 -8.97 -1.36 -0.58
N ASN A 142 -7.73 -0.91 -0.42
CA ASN A 142 -7.02 -0.33 -1.55
C ASN A 142 -6.79 -1.34 -2.68
N ASP A 143 -6.43 -2.57 -2.33
CA ASP A 143 -6.24 -3.66 -3.30
C ASP A 143 -7.53 -3.84 -4.12
N PHE A 144 -8.67 -3.83 -3.43
CA PHE A 144 -9.99 -3.98 -4.05
C PHE A 144 -10.28 -2.80 -4.98
N ARG A 145 -10.02 -1.58 -4.49
CA ARG A 145 -10.22 -0.37 -5.28
C ARG A 145 -9.41 -0.39 -6.57
N LEU A 146 -8.16 -0.89 -6.48
CA LEU A 146 -7.26 -0.94 -7.64
C LEU A 146 -7.76 -1.97 -8.66
N LYS A 147 -8.28 -3.08 -8.16
CA LYS A 147 -8.86 -4.11 -9.02
C LYS A 147 -10.11 -3.59 -9.74
N ILE A 148 -10.92 -2.78 -9.06
CA ILE A 148 -12.06 -2.12 -9.72
C ILE A 148 -11.54 -1.17 -10.81
N ALA A 149 -10.60 -0.30 -10.43
CA ALA A 149 -10.04 0.70 -11.35
C ALA A 149 -9.44 0.12 -12.62
N VAL A 150 -8.80 -1.04 -12.52
CA VAL A 150 -8.19 -1.71 -13.67
C VAL A 150 -9.25 -2.10 -14.69
N VAL A 151 -10.42 -2.50 -14.18
CA VAL A 151 -11.55 -2.83 -15.03
C VAL A 151 -12.20 -1.56 -15.57
N SER A 152 -12.59 -0.67 -14.65
CA SER A 152 -13.40 0.52 -14.95
C SER A 152 -12.80 1.41 -16.02
N TYR A 153 -11.47 1.52 -16.02
CA TYR A 153 -10.76 2.37 -16.96
C TYR A 153 -10.12 1.55 -18.09
N GLU A 154 -10.55 0.29 -18.20
CA GLU A 154 -10.04 -0.65 -19.20
C GLU A 154 -10.21 -0.12 -20.63
N PRO A 155 -9.25 -0.46 -21.50
CA PRO A 155 -9.07 0.24 -22.77
C PRO A 155 -10.01 -0.26 -23.88
N GLU A 156 -9.76 -1.47 -24.37
CA GLU A 156 -10.62 -2.10 -25.36
C GLU A 156 -11.87 -2.64 -24.68
N ASP A 157 -13.03 -2.45 -25.32
CA ASP A 157 -14.31 -2.82 -24.75
C ASP A 157 -14.49 -4.33 -24.56
N GLU A 158 -13.90 -5.13 -25.44
CA GLU A 158 -13.97 -6.58 -25.33
C GLU A 158 -13.21 -7.12 -24.12
N ILE A 159 -12.11 -6.43 -23.77
CA ILE A 159 -11.36 -6.75 -22.56
C ILE A 159 -12.12 -6.28 -21.32
N LYS A 160 -12.63 -5.06 -21.36
CA LYS A 160 -13.38 -4.47 -20.25
C LYS A 160 -14.57 -5.34 -19.86
N GLU A 161 -15.29 -5.85 -20.85
CA GLU A 161 -16.50 -6.65 -20.61
C GLU A 161 -16.19 -8.02 -19.99
N LYS A 162 -15.14 -8.67 -20.47
CA LYS A 162 -14.69 -9.95 -19.92
C LYS A 162 -14.25 -9.80 -18.46
N LYS A 163 -13.56 -8.70 -18.18
CA LYS A 163 -13.00 -8.45 -16.85
C LYS A 163 -14.10 -8.07 -15.87
N LEU A 164 -15.11 -7.37 -16.38
CA LEU A 164 -16.28 -6.98 -15.59
C LEU A 164 -17.03 -8.21 -15.09
N VAL A 165 -17.10 -9.24 -15.93
CA VAL A 165 -17.73 -10.51 -15.54
C VAL A 165 -17.04 -11.10 -14.32
N THR A 166 -15.72 -11.17 -14.38
CA THR A 166 -14.89 -11.74 -13.32
C THR A 166 -14.98 -10.87 -12.06
N LEU A 167 -14.99 -9.55 -12.27
CA LEU A 167 -15.10 -8.59 -11.18
C LEU A 167 -16.40 -8.82 -10.41
N ASN A 168 -17.52 -8.90 -11.12
CA ASN A 168 -18.82 -9.06 -10.47
C ASN A 168 -19.01 -10.45 -9.85
N ALA A 169 -18.54 -11.50 -10.51
CA ALA A 169 -18.81 -12.86 -10.06
C ALA A 169 -17.81 -13.33 -9.00
N GLU A 170 -16.58 -12.84 -9.07
CA GLU A 170 -15.52 -13.43 -8.25
C GLU A 170 -14.89 -12.40 -7.32
N VAL A 171 -14.43 -11.28 -7.88
CA VAL A 171 -13.60 -10.33 -7.11
C VAL A 171 -14.42 -9.59 -6.05
N ILE A 172 -15.54 -9.00 -6.46
CA ILE A 172 -16.34 -8.17 -5.55
C ILE A 172 -16.83 -8.99 -4.33
N PRO A 173 -17.47 -10.16 -4.51
CA PRO A 173 -17.84 -10.99 -3.36
C PRO A 173 -16.65 -11.46 -2.51
N PHE A 174 -15.52 -11.79 -3.13
CA PHE A 174 -14.34 -12.28 -2.39
C PHE A 174 -13.93 -11.22 -1.37
N TYR A 175 -13.80 -9.97 -1.82
CA TYR A 175 -13.36 -8.89 -0.92
C TYR A 175 -14.44 -8.46 0.06
N LEU A 176 -15.65 -8.24 -0.44
CA LEU A 176 -16.67 -7.67 0.42
C LEU A 176 -17.24 -8.69 1.41
N GLU A 177 -17.30 -9.96 1.03
CA GLU A 177 -17.75 -10.96 2.01
C GLU A 177 -16.80 -11.00 3.20
N LYS A 178 -15.50 -10.93 2.89
CA LYS A 178 -14.49 -10.95 3.94
C LYS A 178 -14.57 -9.71 4.83
N LEU A 179 -14.71 -8.53 4.23
CA LEU A 179 -14.85 -7.29 5.01
C LEU A 179 -16.13 -7.28 5.83
N GLU A 180 -17.23 -7.78 5.26
CA GLU A 180 -18.50 -7.90 5.98
C GLU A 180 -18.32 -8.71 7.27
N GLN A 181 -17.65 -9.86 7.15
CA GLN A 181 -17.46 -10.74 8.31
C GLN A 181 -16.56 -10.06 9.33
N THR A 182 -15.52 -9.39 8.84
CA THR A 182 -14.64 -8.61 9.71
C THR A 182 -15.41 -7.60 10.57
N VAL A 183 -16.33 -6.87 9.96
CA VAL A 183 -17.11 -5.88 10.68
C VAL A 183 -17.97 -6.55 11.74
N LYS A 184 -18.59 -7.68 11.38
CA LYS A 184 -19.37 -8.45 12.35
C LYS A 184 -18.48 -8.99 13.51
N ASP A 185 -17.25 -9.38 13.21
CA ASP A 185 -16.29 -9.84 14.24
C ASP A 185 -15.69 -8.69 15.09
N ASN A 186 -15.87 -7.45 14.66
CA ASN A 186 -15.34 -6.27 15.35
C ASN A 186 -16.42 -5.31 15.83
N ASP A 187 -17.59 -5.85 16.18
CA ASP A 187 -18.65 -5.04 16.76
C ASP A 187 -19.01 -3.78 15.93
N GLY A 188 -19.11 -3.94 14.61
CA GLY A 188 -19.54 -2.84 13.75
C GLY A 188 -18.38 -1.96 13.29
N HIS A 189 -17.18 -2.51 13.32
CA HIS A 189 -16.01 -1.75 12.91
C HIS A 189 -15.07 -2.62 12.09
N LEU A 190 -14.21 -2.00 11.31
CA LEU A 190 -13.30 -2.76 10.48
C LEU A 190 -12.07 -3.27 11.20
N ALA A 191 -11.72 -2.66 12.33
CA ALA A 191 -10.53 -3.08 13.09
C ALA A 191 -10.61 -2.69 14.55
N LEU A 192 -9.98 -3.51 15.40
CA LEU A 192 -9.80 -3.21 16.83
C LEU A 192 -11.11 -3.08 17.61
N GLY A 193 -12.19 -3.60 17.03
CA GLY A 193 -13.50 -3.47 17.66
C GLY A 193 -13.93 -2.06 18.04
N LYS A 194 -13.40 -1.05 17.36
CA LYS A 194 -13.70 0.35 17.68
C LYS A 194 -13.48 1.25 16.47
N LEU A 195 -13.89 2.51 16.57
CA LEU A 195 -13.63 3.48 15.48
C LEU A 195 -12.12 3.60 15.22
N THR A 196 -11.72 3.42 13.96
CA THR A 196 -10.34 3.69 13.56
C THR A 196 -10.37 4.38 12.21
N TRP A 197 -9.18 4.72 11.71
CA TRP A 197 -9.16 5.37 10.41
C TRP A 197 -9.52 4.43 9.26
N ALA A 198 -9.56 3.12 9.52
CA ALA A 198 -10.03 2.17 8.49
C ALA A 198 -11.50 2.41 8.18
N ASP A 199 -12.30 2.69 9.22
CA ASP A 199 -13.70 3.05 9.04
C ASP A 199 -13.86 4.34 8.25
N VAL A 200 -13.07 5.34 8.62
CA VAL A 200 -13.17 6.64 7.96
C VAL A 200 -12.72 6.51 6.51
N TYR A 201 -11.65 5.75 6.28
CA TYR A 201 -11.14 5.55 4.92
C TYR A 201 -12.22 4.88 4.06
N PHE A 202 -12.81 3.84 4.61
CA PHE A 202 -13.82 3.07 3.87
C PHE A 202 -15.03 3.95 3.57
N ALA A 203 -15.49 4.71 4.56
CA ALA A 203 -16.63 5.62 4.33
C ALA A 203 -16.33 6.66 3.26
N GLY A 204 -15.07 7.10 3.21
CA GLY A 204 -14.64 8.13 2.28
C GLY A 204 -14.33 7.64 0.88
N ILE A 205 -14.17 6.32 0.70
CA ILE A 205 -13.82 5.78 -0.60
C ILE A 205 -15.00 5.04 -1.28
N THR A 206 -16.00 4.69 -0.48
CA THR A 206 -17.09 3.84 -0.97
C THR A 206 -17.82 4.44 -2.19
N ASP A 207 -18.09 5.73 -2.15
CA ASP A 207 -18.76 6.41 -3.27
C ASP A 207 -17.99 6.28 -4.57
N TYR A 208 -16.66 6.31 -4.49
CA TYR A 208 -15.79 6.22 -5.65
C TYR A 208 -15.81 4.81 -6.26
N MET A 209 -15.79 3.80 -5.40
CA MET A 209 -15.88 2.43 -5.87
C MET A 209 -17.25 2.21 -6.53
N ASN A 210 -18.29 2.77 -5.94
CA ASN A 210 -19.65 2.65 -6.51
C ASN A 210 -19.74 3.37 -7.85
N TYR A 211 -19.09 4.53 -7.93
CA TYR A 211 -19.07 5.30 -9.17
C TYR A 211 -18.42 4.52 -10.29
N MET A 212 -17.32 3.84 -9.98
CA MET A 212 -16.58 3.09 -10.98
C MET A 212 -17.31 1.85 -11.50
N VAL A 213 -18.05 1.17 -10.63
CA VAL A 213 -18.83 -0.02 -11.04
C VAL A 213 -20.24 0.38 -11.50
N LYS A 214 -20.66 1.58 -11.15
CA LYS A 214 -21.96 2.18 -11.52
C LYS A 214 -23.17 1.58 -10.79
N ARG A 215 -22.92 0.97 -9.64
CA ARG A 215 -23.99 0.54 -8.76
C ARG A 215 -23.51 0.58 -7.29
N ASP A 216 -24.45 0.42 -6.36
CA ASP A 216 -24.12 0.39 -4.95
C ASP A 216 -23.58 -0.99 -4.60
N LEU A 217 -22.26 -1.09 -4.47
CA LEU A 217 -21.61 -2.37 -4.16
C LEU A 217 -22.03 -2.94 -2.81
N LEU A 218 -22.59 -2.10 -1.94
CA LEU A 218 -22.87 -2.52 -0.57
C LEU A 218 -24.27 -3.06 -0.35
N GLU A 219 -25.08 -3.13 -1.41
CA GLU A 219 -26.41 -3.70 -1.24
C GLU A 219 -26.44 -5.09 -0.57
N PRO A 220 -25.56 -6.02 -0.92
CA PRO A 220 -25.54 -7.33 -0.24
C PRO A 220 -24.90 -7.32 1.15
N TYR A 221 -24.38 -6.18 1.60
CA TYR A 221 -23.45 -6.14 2.74
C TYR A 221 -23.90 -5.12 3.80
N PRO A 222 -24.96 -5.45 4.54
CA PRO A 222 -25.54 -4.49 5.49
C PRO A 222 -24.57 -4.05 6.58
N ALA A 223 -23.68 -4.92 7.06
CA ALA A 223 -22.75 -4.50 8.11
C ALA A 223 -21.79 -3.44 7.58
N LEU A 224 -21.36 -3.61 6.33
CA LEU A 224 -20.50 -2.61 5.68
C LEU A 224 -21.22 -1.28 5.49
N ARG A 225 -22.49 -1.30 5.05
CA ARG A 225 -23.26 -0.07 5.00
C ARG A 225 -23.34 0.63 6.36
N GLY A 226 -23.46 -0.18 7.41
CA GLY A 226 -23.57 0.31 8.78
C GLY A 226 -22.33 1.11 9.17
N VAL A 227 -21.16 0.62 8.78
CA VAL A 227 -19.91 1.33 9.08
C VAL A 227 -19.92 2.69 8.40
N VAL A 228 -20.32 2.71 7.13
CA VAL A 228 -20.37 3.94 6.35
C VAL A 228 -21.36 4.93 6.96
N ASP A 229 -22.58 4.47 7.24
CA ASP A 229 -23.58 5.34 7.87
C ASP A 229 -23.12 5.92 9.22
N ALA A 230 -22.46 5.10 10.05
CA ALA A 230 -21.96 5.53 11.34
C ALA A 230 -20.84 6.57 11.23
N VAL A 231 -19.92 6.39 10.28
CA VAL A 231 -18.93 7.45 10.03
C VAL A 231 -19.61 8.72 9.53
N ASN A 232 -20.52 8.57 8.57
CA ASN A 232 -21.20 9.72 7.97
C ASN A 232 -22.05 10.51 8.97
N ALA A 233 -22.51 9.83 10.02
CA ALA A 233 -23.31 10.45 11.06
C ALA A 233 -22.49 11.19 12.11
N LEU A 234 -21.17 10.98 12.13
CA LEU A 234 -20.32 11.68 13.09
C LEU A 234 -20.42 13.17 12.80
N GLU A 235 -20.67 13.93 13.85
CA GLU A 235 -20.98 15.34 13.74
C GLU A 235 -20.05 16.11 12.76
N PRO A 236 -18.72 16.04 12.91
CA PRO A 236 -17.82 16.77 12.01
C PRO A 236 -17.86 16.27 10.56
N ILE A 237 -18.10 14.97 10.38
CA ILE A 237 -18.19 14.40 9.03
C ILE A 237 -19.53 14.75 8.37
N LYS A 238 -20.61 14.67 9.15
CA LYS A 238 -21.95 15.05 8.72
C LYS A 238 -21.94 16.50 8.22
N ALA A 239 -21.31 17.38 8.99
CA ALA A 239 -21.18 18.79 8.62
C ALA A 239 -20.41 18.96 7.32
N TRP A 240 -19.32 18.21 7.15
CA TRP A 240 -18.54 18.25 5.92
C TRP A 240 -19.34 17.78 4.69
N ILE A 241 -20.02 16.65 4.81
CA ILE A 241 -20.81 16.10 3.72
C ILE A 241 -21.84 17.13 3.23
N GLU A 242 -22.45 17.84 4.19
CA GLU A 242 -23.44 18.88 3.86
C GLU A 242 -22.79 20.07 3.16
N LYS A 243 -21.60 20.45 3.63
CA LYS A 243 -20.83 21.60 3.13
C LYS A 243 -20.24 21.40 1.74
N ARG A 244 -19.74 20.19 1.48
CA ARG A 244 -18.82 19.95 0.37
C ARG A 244 -19.44 20.19 -1.01
N PRO A 245 -18.61 20.59 -1.97
CA PRO A 245 -19.10 20.76 -3.34
C PRO A 245 -19.74 19.48 -3.84
N VAL A 246 -20.86 19.61 -4.56
CA VAL A 246 -21.52 18.46 -5.14
C VAL A 246 -20.87 18.11 -6.46
N THR A 247 -20.27 16.93 -6.51
CA THR A 247 -19.60 16.46 -7.70
C THR A 247 -20.07 15.04 -8.01
N GLU A 248 -20.02 14.69 -9.29
CA GLU A 248 -20.42 13.37 -9.79
C GLU A 248 -19.53 12.26 -9.21
N VAL A 249 -18.24 12.55 -9.10
CA VAL A 249 -17.26 11.61 -8.53
C VAL A 249 -16.68 12.15 -7.22
N LYS B 47 9.47 -14.72 24.46
CA LYS B 47 8.32 -13.75 24.52
C LYS B 47 7.36 -13.91 23.33
N HIS B 48 7.79 -13.55 22.12
CA HIS B 48 6.92 -13.63 20.95
C HIS B 48 7.30 -14.76 20.00
N SER B 49 6.31 -15.47 19.50
CA SER B 49 6.50 -16.54 18.52
C SER B 49 6.16 -16.01 17.15
N TYR B 50 7.07 -16.19 16.19
CA TYR B 50 6.85 -15.77 14.81
C TYR B 50 6.99 -16.95 13.88
N THR B 51 6.02 -17.07 12.96
CA THR B 51 6.08 -18.04 11.89
C THR B 51 5.79 -17.28 10.61
N LEU B 52 6.61 -17.51 9.60
CA LEU B 52 6.37 -16.96 8.28
C LEU B 52 5.94 -18.06 7.34
N PHE B 53 4.82 -17.85 6.64
CA PHE B 53 4.39 -18.78 5.59
C PHE B 53 4.58 -18.12 4.24
N TYR B 54 5.28 -18.80 3.35
CA TYR B 54 5.40 -18.44 1.95
C TYR B 54 5.76 -19.67 1.13
N PHE B 55 5.93 -19.48 -0.17
CA PHE B 55 6.48 -20.52 -1.05
C PHE B 55 7.99 -20.59 -0.86
N ASN B 56 8.62 -21.62 -1.44
CA ASN B 56 10.07 -21.77 -1.36
C ASN B 56 10.78 -20.86 -2.36
N VAL B 57 10.61 -19.56 -2.15
CA VAL B 57 11.14 -18.53 -3.03
C VAL B 57 11.46 -17.32 -2.17
N LYS B 58 12.21 -16.39 -2.73
CA LYS B 58 12.45 -15.13 -2.03
C LYS B 58 11.24 -14.23 -2.26
N ALA B 59 11.10 -13.72 -3.50
CA ALA B 59 10.00 -12.87 -3.92
C ALA B 59 9.47 -11.89 -2.86
N LEU B 60 8.17 -11.89 -2.56
CA LEU B 60 7.59 -10.87 -1.66
C LEU B 60 7.91 -11.09 -0.18
N ALA B 61 8.32 -12.29 0.19
CA ALA B 61 8.62 -12.56 1.60
C ALA B 61 10.03 -12.17 1.99
N GLU B 62 10.92 -12.05 1.03
CA GLU B 62 12.34 -11.86 1.38
C GLU B 62 12.60 -10.60 2.22
N PRO B 63 11.95 -9.48 1.94
CA PRO B 63 12.11 -8.32 2.84
C PRO B 63 11.75 -8.65 4.30
N LEU B 64 10.74 -9.50 4.54
CA LEU B 64 10.42 -9.90 5.91
C LEU B 64 11.55 -10.74 6.52
N ARG B 65 12.06 -11.68 5.73
CA ARG B 65 13.19 -12.52 6.16
C ARG B 65 14.43 -11.65 6.47
N TYR B 66 14.66 -10.63 5.65
CA TYR B 66 15.72 -9.65 5.96
C TYR B 66 15.48 -8.93 7.30
N LEU B 67 14.26 -8.50 7.55
CA LEU B 67 13.97 -7.75 8.78
C LEU B 67 14.12 -8.63 10.02
N PHE B 68 13.73 -9.91 9.90
CA PHE B 68 13.92 -10.84 11.02
C PHE B 68 15.43 -11.00 11.29
N ALA B 69 16.22 -11.16 10.23
CA ALA B 69 17.66 -11.34 10.38
C ALA B 69 18.27 -10.10 11.02
N TYR B 70 17.91 -8.94 10.47
CA TYR B 70 18.37 -7.66 11.00
C TYR B 70 18.16 -7.54 12.52
N GLY B 71 16.98 -7.97 12.99
CA GLY B 71 16.60 -7.83 14.38
C GLY B 71 16.98 -9.00 15.27
N ASN B 72 17.75 -9.93 14.74
CA ASN B 72 18.21 -11.11 15.50
C ASN B 72 17.01 -11.91 16.00
N GLN B 73 15.94 -11.92 15.21
CA GLN B 73 14.65 -12.46 15.68
C GLN B 73 14.39 -13.85 15.12
N GLU B 74 14.40 -14.86 15.99
CA GLU B 74 14.12 -16.23 15.62
C GLU B 74 12.70 -16.31 15.10
N TYR B 75 12.53 -17.06 14.01
CA TYR B 75 11.20 -17.32 13.46
C TYR B 75 11.21 -18.65 12.73
N GLU B 76 10.03 -19.23 12.57
CA GLU B 76 9.93 -20.46 11.79
C GLU B 76 9.64 -20.07 10.34
N ASP B 77 10.56 -20.45 9.46
CA ASP B 77 10.49 -20.09 8.05
C ASP B 77 9.84 -21.24 7.29
N VAL B 78 8.50 -21.18 7.18
CA VAL B 78 7.73 -22.27 6.62
C VAL B 78 7.62 -22.08 5.11
N ARG B 79 8.17 -23.04 4.37
CA ARG B 79 8.17 -22.97 2.93
C ARG B 79 7.21 -24.02 2.39
N VAL B 80 6.04 -23.53 2.02
CA VAL B 80 4.92 -24.36 1.59
C VAL B 80 5.18 -24.84 0.15
N THR B 81 5.13 -26.16 -0.05
CA THR B 81 5.25 -26.72 -1.40
C THR B 81 3.98 -26.43 -2.21
N ARG B 82 4.13 -26.42 -3.54
CA ARG B 82 2.99 -26.24 -4.46
C ARG B 82 1.90 -27.27 -4.20
N ASP B 83 2.30 -28.50 -3.87
CA ASP B 83 1.37 -29.60 -3.61
C ASP B 83 0.56 -29.40 -2.35
N GLU B 84 1.19 -28.81 -1.33
CA GLU B 84 0.58 -28.67 -0.01
C GLU B 84 -0.30 -27.42 0.11
N TRP B 85 -0.14 -26.50 -0.85
CA TRP B 85 -0.80 -25.21 -0.83
C TRP B 85 -2.34 -25.28 -0.84
N PRO B 86 -2.95 -26.10 -1.71
CA PRO B 86 -4.39 -26.32 -1.65
C PRO B 86 -4.94 -26.55 -0.25
N ALA B 87 -4.27 -27.38 0.55
CA ALA B 87 -4.71 -27.67 1.91
C ALA B 87 -4.55 -26.50 2.90
N LEU B 88 -3.48 -25.72 2.75
CA LEU B 88 -3.18 -24.64 3.71
C LEU B 88 -3.86 -23.32 3.35
N LYS B 89 -4.20 -23.15 2.07
CA LYS B 89 -4.88 -21.94 1.60
C LYS B 89 -6.06 -21.45 2.48
N PRO B 90 -7.01 -22.32 2.84
CA PRO B 90 -8.14 -21.90 3.69
C PRO B 90 -7.74 -21.40 5.09
N THR B 91 -6.51 -21.66 5.52
CA THR B 91 -6.07 -21.23 6.85
C THR B 91 -5.33 -19.91 6.79
N MET B 92 -5.19 -19.36 5.58
CA MET B 92 -4.55 -18.06 5.39
C MET B 92 -5.61 -16.97 5.21
N PRO B 93 -5.42 -15.82 5.85
CA PRO B 93 -6.32 -14.69 5.61
C PRO B 93 -6.34 -14.40 4.11
N MET B 94 -7.53 -14.23 3.55
CA MET B 94 -7.69 -13.95 2.12
C MET B 94 -7.07 -15.00 1.18
N GLY B 95 -6.71 -16.16 1.72
CA GLY B 95 -6.12 -17.22 0.92
C GLY B 95 -4.84 -16.85 0.20
N GLN B 96 -4.07 -15.92 0.76
CA GLN B 96 -2.80 -15.56 0.13
C GLN B 96 -1.63 -15.58 1.11
N MET B 97 -0.43 -15.46 0.56
CA MET B 97 0.81 -15.38 1.33
C MET B 97 1.62 -14.25 0.68
N PRO B 98 2.63 -13.70 1.37
CA PRO B 98 3.08 -14.13 2.70
C PRO B 98 2.06 -13.91 3.82
N VAL B 99 2.17 -14.75 4.85
CA VAL B 99 1.46 -14.58 6.10
C VAL B 99 2.44 -14.70 7.26
N LEU B 100 2.26 -13.86 8.27
CA LEU B 100 2.94 -14.05 9.55
C LEU B 100 1.95 -14.52 10.58
N GLU B 101 2.36 -15.49 11.38
CA GLU B 101 1.58 -15.84 12.55
C GLU B 101 2.39 -15.35 13.75
N VAL B 102 1.81 -14.46 14.53
CA VAL B 102 2.49 -13.84 15.67
C VAL B 102 1.71 -14.19 16.94
N ASP B 103 2.31 -15.08 17.74
CA ASP B 103 1.65 -15.64 18.93
C ASP B 103 0.29 -16.27 18.58
N GLY B 104 0.26 -17.05 17.50
CA GLY B 104 -0.97 -17.70 17.06
C GLY B 104 -1.94 -16.87 16.24
N LYS B 105 -1.68 -15.58 16.09
CA LYS B 105 -2.56 -14.70 15.33
C LYS B 105 -1.98 -14.46 13.93
N ARG B 106 -2.79 -14.65 12.90
CA ARG B 106 -2.26 -14.53 11.54
C ARG B 106 -2.57 -13.20 10.92
N VAL B 107 -1.57 -12.66 10.22
CA VAL B 107 -1.73 -11.41 9.51
C VAL B 107 -1.23 -11.60 8.09
N HIS B 108 -1.60 -10.68 7.19
CA HIS B 108 -1.13 -10.73 5.81
C HIS B 108 -0.84 -9.28 5.37
N GLN B 109 -0.54 -9.11 4.09
CA GLN B 109 -0.21 -7.81 3.47
C GLN B 109 1.26 -7.49 3.76
N SER B 110 2.14 -7.90 2.85
CA SER B 110 3.57 -7.89 3.10
C SER B 110 4.18 -6.53 3.41
N ILE B 111 3.66 -5.46 2.79
CA ILE B 111 4.23 -4.13 3.04
C ILE B 111 3.88 -3.70 4.46
N SER B 112 2.62 -3.89 4.84
CA SER B 112 2.21 -3.50 6.18
C SER B 112 2.89 -4.37 7.25
N MET B 113 3.13 -5.64 6.95
CA MET B 113 3.86 -6.52 7.88
C MET B 113 5.32 -6.08 7.99
N ALA B 114 5.90 -5.66 6.86
CA ALA B 114 7.27 -5.14 6.91
C ALA B 114 7.33 -3.90 7.81
N ARG B 115 6.37 -2.99 7.65
CA ARG B 115 6.31 -1.78 8.48
C ARG B 115 6.22 -2.13 9.97
N PHE B 116 5.42 -3.15 10.29
CA PHE B 116 5.33 -3.61 11.67
C PHE B 116 6.67 -4.19 12.18
N LEU B 117 7.28 -5.05 11.39
CA LEU B 117 8.59 -5.61 11.78
C LEU B 117 9.64 -4.51 11.92
N ALA B 118 9.55 -3.51 11.06
CA ALA B 118 10.51 -2.38 11.14
C ALA B 118 10.35 -1.64 12.46
N LYS B 119 9.10 -1.43 12.88
CA LYS B 119 8.86 -0.79 14.19
C LYS B 119 9.48 -1.57 15.33
N THR B 120 9.32 -2.89 15.30
CA THR B 120 9.85 -3.76 16.36
C THR B 120 11.38 -3.77 16.40
N VAL B 121 12.02 -3.37 15.29
CA VAL B 121 13.49 -3.36 15.27
C VAL B 121 14.11 -1.97 15.14
N GLY B 122 13.30 -0.94 15.31
CA GLY B 122 13.75 0.44 15.34
C GLY B 122 14.20 0.97 13.98
N LEU B 123 13.63 0.42 12.91
CA LEU B 123 13.99 0.88 11.56
C LEU B 123 12.96 1.85 11.00
N CYS B 124 12.16 2.43 11.89
CA CYS B 124 11.28 3.49 11.45
C CYS B 124 11.77 4.87 11.83
N GLY B 125 10.83 5.80 11.96
CA GLY B 125 11.14 7.17 12.34
C GLY B 125 10.69 7.44 13.76
N ALA B 126 10.80 8.70 14.18
CA ALA B 126 10.49 9.08 15.56
C ALA B 126 9.15 9.77 15.69
N THR B 127 8.60 10.20 14.55
CA THR B 127 7.34 10.94 14.53
C THR B 127 6.49 10.41 13.38
N PRO B 128 5.19 10.70 13.38
CA PRO B 128 4.34 10.40 12.22
C PRO B 128 4.85 11.01 10.91
N TRP B 129 5.34 12.24 10.96
CA TRP B 129 5.92 12.86 9.77
C TRP B 129 7.11 12.07 9.21
N GLU B 130 8.02 11.62 10.08
CA GLU B 130 9.17 10.87 9.62
C GLU B 130 8.71 9.52 9.06
N ASP B 131 7.78 8.88 9.78
CA ASP B 131 7.28 7.57 9.34
C ASP B 131 6.63 7.71 7.96
N LEU B 132 5.96 8.83 7.73
CA LEU B 132 5.33 9.10 6.43
C LEU B 132 6.36 9.14 5.31
N GLN B 133 7.51 9.76 5.54
CA GLN B 133 8.53 9.82 4.51
C GLN B 133 9.00 8.44 4.09
N ILE B 134 9.16 7.53 5.06
CA ILE B 134 9.59 6.17 4.74
C ILE B 134 8.44 5.47 4.00
N ASP B 135 7.24 5.60 4.52
CA ASP B 135 6.05 4.95 3.92
C ASP B 135 5.95 5.32 2.44
N ILE B 136 6.12 6.60 2.14
CA ILE B 136 5.96 7.09 0.76
C ILE B 136 6.93 6.41 -0.20
N VAL B 137 8.20 6.32 0.17
CA VAL B 137 9.19 5.74 -0.72
C VAL B 137 8.99 4.23 -0.87
N VAL B 138 8.55 3.56 0.19
CA VAL B 138 8.22 2.14 0.06
C VAL B 138 7.01 1.96 -0.87
N ASP B 139 6.00 2.82 -0.73
CA ASP B 139 4.82 2.77 -1.62
C ASP B 139 5.27 2.95 -3.06
N THR B 140 6.20 3.87 -3.30
CA THR B 140 6.73 4.08 -4.65
C THR B 140 7.45 2.85 -5.17
N ILE B 141 8.25 2.21 -4.32
CA ILE B 141 8.96 0.99 -4.72
C ILE B 141 7.93 -0.10 -5.03
N ASN B 142 6.89 -0.19 -4.19
CA ASN B 142 5.84 -1.21 -4.42
C ASN B 142 5.04 -0.95 -5.71
N ASP B 143 4.68 0.30 -5.97
CA ASP B 143 4.01 0.69 -7.22
C ASP B 143 4.83 0.24 -8.43
N PHE B 144 6.13 0.53 -8.37
CA PHE B 144 7.09 0.08 -9.38
C PHE B 144 7.12 -1.45 -9.54
N ARG B 145 7.23 -2.17 -8.41
CA ARG B 145 7.23 -3.62 -8.44
C ARG B 145 5.97 -4.17 -9.10
N LEU B 146 4.82 -3.57 -8.77
CA LEU B 146 3.53 -4.01 -9.32
C LEU B 146 3.46 -3.79 -10.82
N LYS B 147 4.00 -2.66 -11.29
CA LYS B 147 4.03 -2.35 -12.72
C LYS B 147 4.85 -3.36 -13.52
N ILE B 148 5.99 -3.78 -12.97
CA ILE B 148 6.82 -4.82 -13.56
C ILE B 148 6.08 -6.17 -13.57
N ALA B 149 5.45 -6.51 -12.43
CA ALA B 149 4.76 -7.77 -12.28
C ALA B 149 3.61 -7.92 -13.27
N VAL B 150 2.82 -6.86 -13.44
CA VAL B 150 1.66 -6.86 -14.32
C VAL B 150 2.04 -7.17 -15.78
N VAL B 151 3.20 -6.71 -16.19
CA VAL B 151 3.73 -6.99 -17.53
C VAL B 151 4.40 -8.37 -17.58
N SER B 152 5.31 -8.63 -16.66
CA SER B 152 6.09 -9.87 -16.62
C SER B 152 5.24 -11.12 -16.34
N TYR B 153 4.56 -11.12 -15.20
CA TYR B 153 3.72 -12.23 -14.75
C TYR B 153 2.28 -12.06 -15.24
N GLU B 154 2.04 -10.94 -15.94
CA GLU B 154 0.67 -10.51 -16.24
C GLU B 154 -0.01 -11.33 -17.31
N PRO B 155 0.03 -10.84 -18.56
CA PRO B 155 -0.73 -11.44 -19.66
C PRO B 155 -0.14 -12.77 -20.10
N GLU B 156 -1.02 -13.73 -20.43
CA GLU B 156 -0.60 -15.03 -20.93
C GLU B 156 -0.21 -14.96 -22.40
N ASP B 157 -1.01 -14.24 -23.20
CA ASP B 157 -0.73 -14.03 -24.62
C ASP B 157 0.38 -12.99 -24.81
N GLU B 158 0.67 -12.65 -26.08
CA GLU B 158 1.80 -11.77 -26.38
C GLU B 158 1.47 -10.28 -26.56
N ILE B 159 0.49 -9.80 -25.78
CA ILE B 159 0.30 -8.36 -25.61
C ILE B 159 1.40 -7.86 -24.65
N LYS B 160 2.01 -8.82 -23.94
CA LYS B 160 3.22 -8.57 -23.15
C LYS B 160 4.25 -7.79 -23.97
N GLU B 161 4.36 -8.13 -25.25
CA GLU B 161 5.30 -7.49 -26.18
C GLU B 161 5.24 -5.96 -26.20
N LYS B 162 4.04 -5.42 -26.40
CA LYS B 162 3.85 -3.97 -26.51
C LYS B 162 4.03 -3.26 -25.16
N LYS B 163 3.50 -3.85 -24.09
CA LYS B 163 3.61 -3.27 -22.76
C LYS B 163 5.05 -3.33 -22.24
N LEU B 164 5.76 -4.40 -22.60
CA LEU B 164 7.17 -4.55 -22.23
C LEU B 164 8.01 -3.41 -22.82
N VAL B 165 7.62 -2.97 -24.01
CA VAL B 165 8.28 -1.82 -24.65
C VAL B 165 8.07 -0.56 -23.80
N THR B 166 6.82 -0.31 -23.41
CA THR B 166 6.49 0.81 -22.55
C THR B 166 7.17 0.69 -21.17
N LEU B 167 7.18 -0.53 -20.63
CA LEU B 167 7.85 -0.82 -19.35
C LEU B 167 9.33 -0.43 -19.42
N ASN B 168 10.06 -1.03 -20.36
CA ASN B 168 11.49 -0.77 -20.52
C ASN B 168 11.83 0.66 -20.92
N ALA B 169 11.02 1.23 -21.81
CA ALA B 169 11.31 2.54 -22.37
C ALA B 169 10.87 3.70 -21.51
N GLU B 170 9.77 3.54 -20.77
CA GLU B 170 9.23 4.66 -19.96
C GLU B 170 9.24 4.38 -18.45
N VAL B 171 8.66 3.25 -18.05
CA VAL B 171 8.39 3.02 -16.62
C VAL B 171 9.66 2.78 -15.78
N ILE B 172 10.45 1.78 -16.18
CA ILE B 172 11.66 1.42 -15.46
C ILE B 172 12.63 2.61 -15.29
N PRO B 173 13.04 3.25 -16.39
CA PRO B 173 13.99 4.37 -16.28
C PRO B 173 13.41 5.48 -15.43
N PHE B 174 12.11 5.71 -15.56
CA PHE B 174 11.44 6.77 -14.82
C PHE B 174 11.47 6.54 -13.30
N TYR B 175 11.06 5.36 -12.86
CA TYR B 175 11.11 5.05 -11.42
C TYR B 175 12.55 5.02 -10.88
N LEU B 176 13.45 4.35 -11.60
CA LEU B 176 14.81 4.17 -11.07
C LEU B 176 15.58 5.48 -11.03
N GLU B 177 15.37 6.34 -12.03
CA GLU B 177 15.98 7.67 -11.95
C GLU B 177 15.49 8.49 -10.75
N LYS B 178 14.19 8.44 -10.47
CA LYS B 178 13.62 9.13 -9.30
C LYS B 178 14.22 8.62 -7.99
N LEU B 179 14.27 7.30 -7.87
CA LEU B 179 14.82 6.68 -6.66
C LEU B 179 16.31 6.96 -6.53
N GLU B 180 17.03 6.91 -7.64
CA GLU B 180 18.46 7.22 -7.61
C GLU B 180 18.68 8.63 -7.07
N GLN B 181 17.89 9.59 -7.54
CA GLN B 181 17.97 10.98 -7.06
C GLN B 181 17.61 11.09 -5.58
N THR B 182 16.56 10.37 -5.17
CA THR B 182 16.21 10.31 -3.76
C THR B 182 17.40 9.88 -2.91
N VAL B 183 18.09 8.80 -3.31
CA VAL B 183 19.24 8.30 -2.56
C VAL B 183 20.36 9.35 -2.48
N LYS B 184 20.64 9.99 -3.61
CA LYS B 184 21.62 11.07 -3.62
C LYS B 184 21.22 12.23 -2.70
N ASP B 185 19.93 12.58 -2.69
CA ASP B 185 19.40 13.65 -1.83
C ASP B 185 19.43 13.29 -0.33
N ASN B 186 19.51 11.99 -0.03
CA ASN B 186 19.48 11.50 1.35
C ASN B 186 20.79 10.85 1.80
N ASP B 187 21.89 11.21 1.13
CA ASP B 187 23.21 10.67 1.45
C ASP B 187 23.35 9.16 1.54
N GLY B 188 22.85 8.45 0.54
CA GLY B 188 23.02 7.02 0.47
C GLY B 188 21.90 6.24 1.13
N HIS B 189 20.76 6.88 1.32
CA HIS B 189 19.58 6.24 1.90
C HIS B 189 18.33 6.62 1.16
N LEU B 190 17.28 5.81 1.30
CA LEU B 190 16.03 6.11 0.64
C LEU B 190 15.15 7.11 1.39
N ALA B 191 15.37 7.26 2.70
CA ALA B 191 14.53 8.15 3.50
C ALA B 191 15.25 8.64 4.74
N LEU B 192 14.89 9.84 5.18
CA LEU B 192 15.38 10.44 6.44
C LEU B 192 16.90 10.59 6.55
N GLY B 193 17.61 10.52 5.43
CA GLY B 193 19.07 10.59 5.41
C GLY B 193 19.78 9.58 6.31
N LYS B 194 19.14 8.43 6.56
CA LYS B 194 19.71 7.41 7.44
C LYS B 194 19.11 6.04 7.15
N LEU B 195 19.72 5.00 7.70
CA LEU B 195 19.16 3.66 7.52
C LEU B 195 17.72 3.59 8.05
N THR B 196 16.80 3.10 7.21
CA THR B 196 15.41 2.85 7.60
C THR B 196 14.97 1.55 6.91
N TRP B 197 13.76 1.13 7.23
CA TRP B 197 13.28 -0.11 6.60
C TRP B 197 13.04 0.05 5.09
N ALA B 198 12.99 1.28 4.59
CA ALA B 198 12.93 1.46 3.13
C ALA B 198 14.18 0.88 2.46
N ASP B 199 15.34 1.07 3.08
CA ASP B 199 16.58 0.53 2.54
C ASP B 199 16.57 -0.98 2.59
N VAL B 200 16.10 -1.51 3.73
CA VAL B 200 16.09 -2.97 3.92
C VAL B 200 15.07 -3.59 2.98
N TYR B 201 13.90 -2.95 2.82
CA TYR B 201 12.88 -3.44 1.89
C TYR B 201 13.44 -3.48 0.45
N PHE B 202 14.08 -2.39 0.05
CA PHE B 202 14.58 -2.28 -1.31
C PHE B 202 15.63 -3.37 -1.59
N ALA B 203 16.54 -3.60 -0.64
CA ALA B 203 17.58 -4.62 -0.79
C ALA B 203 16.95 -6.00 -0.85
N GLY B 204 15.86 -6.18 -0.10
CA GLY B 204 15.19 -7.47 -0.03
C GLY B 204 14.30 -7.77 -1.23
N ILE B 205 13.93 -6.74 -2.01
CA ILE B 205 13.03 -6.92 -3.14
C ILE B 205 13.75 -6.85 -4.51
N THR B 206 14.98 -6.36 -4.51
CA THR B 206 15.62 -6.07 -5.80
C THR B 206 15.89 -7.33 -6.61
N ASP B 207 16.25 -8.42 -5.96
CA ASP B 207 16.49 -9.67 -6.70
C ASP B 207 15.26 -10.16 -7.44
N TYR B 208 14.09 -9.95 -6.85
CA TYR B 208 12.83 -10.34 -7.45
C TYR B 208 12.52 -9.46 -8.66
N MET B 209 12.71 -8.15 -8.52
CA MET B 209 12.46 -7.24 -9.63
C MET B 209 13.39 -7.58 -10.79
N ASN B 210 14.66 -7.86 -10.48
CA ASN B 210 15.64 -8.30 -11.47
C ASN B 210 15.20 -9.59 -12.16
N TYR B 211 14.73 -10.54 -11.36
CA TYR B 211 14.25 -11.81 -11.91
C TYR B 211 13.13 -11.58 -12.93
N MET B 212 12.21 -10.69 -12.60
CA MET B 212 11.03 -10.49 -13.43
C MET B 212 11.32 -9.84 -14.78
N VAL B 213 12.39 -9.04 -14.84
CA VAL B 213 12.81 -8.37 -16.08
C VAL B 213 13.97 -9.09 -16.76
N LYS B 214 14.54 -10.07 -16.05
CA LYS B 214 15.64 -10.90 -16.53
C LYS B 214 16.95 -10.12 -16.77
N ARG B 215 17.16 -9.07 -15.97
CA ARG B 215 18.44 -8.38 -15.93
C ARG B 215 18.68 -7.65 -14.61
N ASP B 216 19.91 -7.18 -14.40
CA ASP B 216 20.26 -6.36 -13.25
C ASP B 216 19.76 -4.94 -13.47
N LEU B 217 18.62 -4.61 -12.87
CA LEU B 217 18.01 -3.28 -13.01
C LEU B 217 18.90 -2.15 -12.49
N LEU B 218 19.77 -2.47 -11.53
CA LEU B 218 20.54 -1.44 -10.81
C LEU B 218 21.88 -1.10 -11.45
N GLU B 219 22.25 -1.84 -12.48
CA GLU B 219 23.51 -1.60 -13.17
C GLU B 219 23.77 -0.11 -13.52
N PRO B 220 22.81 0.59 -14.13
CA PRO B 220 22.95 2.03 -14.37
C PRO B 220 22.84 2.97 -13.15
N TYR B 221 22.61 2.43 -11.95
CA TYR B 221 22.26 3.27 -10.81
C TYR B 221 23.16 3.01 -9.60
N PRO B 222 24.38 3.52 -9.64
CA PRO B 222 25.36 3.24 -8.59
C PRO B 222 24.91 3.59 -7.15
N ALA B 223 24.11 4.64 -6.99
CA ALA B 223 23.65 5.02 -5.65
C ALA B 223 22.66 4.01 -5.09
N LEU B 224 21.76 3.53 -5.94
CA LEU B 224 20.83 2.45 -5.56
C LEU B 224 21.58 1.15 -5.29
N ARG B 225 22.56 0.84 -6.12
CA ARG B 225 23.41 -0.33 -5.85
C ARG B 225 24.08 -0.19 -4.50
N GLY B 226 24.54 1.03 -4.19
CA GLY B 226 25.19 1.31 -2.92
C GLY B 226 24.29 1.01 -1.73
N VAL B 227 23.01 1.37 -1.85
CA VAL B 227 22.04 1.10 -0.77
C VAL B 227 21.90 -0.41 -0.54
N VAL B 228 21.70 -1.14 -1.63
CA VAL B 228 21.52 -2.59 -1.55
C VAL B 228 22.77 -3.27 -1.01
N ASP B 229 23.94 -2.91 -1.54
CA ASP B 229 25.20 -3.47 -1.04
C ASP B 229 25.42 -3.22 0.45
N ALA B 230 25.08 -2.01 0.93
CA ALA B 230 25.28 -1.62 2.32
C ALA B 230 24.35 -2.40 3.26
N VAL B 231 23.12 -2.62 2.83
CA VAL B 231 22.22 -3.51 3.60
C VAL B 231 22.72 -4.96 3.62
N ASN B 232 23.08 -5.47 2.44
CA ASN B 232 23.54 -6.85 2.29
C ASN B 232 24.82 -7.13 3.06
N ALA B 233 25.58 -6.08 3.34
CA ALA B 233 26.85 -6.19 4.06
C ALA B 233 26.68 -6.20 5.58
N LEU B 234 25.52 -5.77 6.08
CA LEU B 234 25.26 -5.84 7.52
C LEU B 234 25.41 -7.28 7.99
N GLU B 235 26.16 -7.48 9.08
CA GLU B 235 26.56 -8.84 9.48
C GLU B 235 25.39 -9.87 9.49
N PRO B 236 24.29 -9.58 10.19
CA PRO B 236 23.20 -10.56 10.23
C PRO B 236 22.52 -10.75 8.88
N ILE B 237 22.44 -9.71 8.06
CA ILE B 237 21.84 -9.90 6.73
C ILE B 237 22.78 -10.71 5.82
N LYS B 238 24.08 -10.41 5.93
CA LYS B 238 25.09 -11.20 5.21
C LYS B 238 25.02 -12.68 5.58
N ALA B 239 24.91 -12.96 6.87
CA ALA B 239 24.83 -14.34 7.36
C ALA B 239 23.57 -15.02 6.82
N TRP B 240 22.47 -14.29 6.79
CA TRP B 240 21.24 -14.82 6.22
C TRP B 240 21.37 -15.17 4.74
N ILE B 241 21.93 -14.26 3.95
CA ILE B 241 22.10 -14.48 2.52
C ILE B 241 22.95 -15.72 2.25
N GLU B 242 23.95 -15.95 3.10
CA GLU B 242 24.82 -17.09 2.93
C GLU B 242 24.08 -18.39 3.30
N LYS B 243 23.25 -18.33 4.34
CA LYS B 243 22.58 -19.54 4.82
C LYS B 243 21.27 -19.91 4.10
N ARG B 244 20.60 -18.92 3.51
CA ARG B 244 19.27 -19.13 2.92
C ARG B 244 19.25 -20.16 1.79
N PRO B 245 18.11 -20.85 1.62
CA PRO B 245 17.95 -21.77 0.48
C PRO B 245 18.20 -21.03 -0.83
N VAL B 246 19.02 -21.62 -1.69
CA VAL B 246 19.29 -21.05 -3.00
C VAL B 246 18.11 -21.39 -3.90
N THR B 247 17.44 -20.36 -4.40
CA THR B 247 16.29 -20.52 -5.29
C THR B 247 16.38 -19.52 -6.41
N GLU B 248 15.73 -19.84 -7.52
CA GLU B 248 15.71 -19.00 -8.71
C GLU B 248 14.99 -17.67 -8.48
N VAL B 249 13.87 -17.71 -7.77
CA VAL B 249 13.02 -16.54 -7.51
C VAL B 249 13.13 -16.10 -6.05
S SO4 C . -23.10 15.08 -1.62
O1 SO4 C . -24.37 15.79 -1.47
O2 SO4 C . -23.10 13.96 -0.68
O3 SO4 C . -22.95 14.59 -2.98
O4 SO4 C . -22.00 15.98 -1.31
N1 GSH D . -0.64 6.16 -5.77
CA1 GSH D . -1.94 6.77 -5.95
C1 GSH D . -2.44 7.31 -4.64
O11 GSH D . -3.06 6.42 -3.73
O12 GSH D . -2.31 8.57 -4.32
CB1 GSH D . -1.83 7.90 -6.97
CG1 GSH D . -3.11 8.03 -7.77
CD1 GSH D . -2.90 9.03 -8.88
OE1 GSH D . -1.72 9.00 -9.65
N2 GSH D . -3.88 9.90 -9.08
CA2 GSH D . -4.39 10.12 -10.42
C2 GSH D . -3.45 11.06 -11.14
O2 GSH D . -3.22 12.36 -10.63
CB2 GSH D . -5.81 10.64 -10.45
SG2 GSH D . -6.82 10.17 -9.02
N3 GSH D . -2.88 10.57 -12.24
CA3 GSH D . -2.42 11.41 -13.32
C3 GSH D . -3.52 12.25 -13.94
O31 GSH D . -4.89 11.92 -13.80
O32 GSH D . -3.20 13.32 -14.62
S SO4 E . 21.73 -16.86 -3.04
O1 SO4 E . 20.90 -17.32 -1.94
O2 SO4 E . 23.02 -17.55 -2.98
O3 SO4 E . 21.06 -17.14 -4.31
O4 SO4 E . 21.99 -15.43 -2.96
#